data_6TTR
#
_entry.id   6TTR
#
_cell.length_a   88.084
_cell.length_b   148.745
_cell.length_c   60.401
_cell.angle_alpha   90.000
_cell.angle_beta   90.000
_cell.angle_gamma   90.000
#
_symmetry.space_group_name_H-M   'P 21 21 2'
#
loop_
_entity.id
_entity.type
_entity.pdbx_description
1 polymer 'GGDEF diguanylate cyclase DgcB'
2 non-polymer 'PHOSPHATE ION'
3 non-polymer "9,9'-[(2R,3R,3aS,5S,7aR,9R,10R,10aS,12S,14aR)-3,5,10,12-tetrahydroxy-5,12-dioxidooctahydro-2H,7H-difuro[3,2-d:3',2'-j][1,3,7,9,2,8]tetraoxadiphosphacyclododecine-2,9-diyl]bis(2-amino-1,9-dihydro-6H-purin-6-one)"
#
_entity_poly.entity_id   1
_entity_poly.type   'polypeptide(L)'
_entity_poly.pdbx_seq_one_letter_code
;MGSSHHHHHHSSGLVPRGSHMQSLEARLADSTAEVERLREHLEQVRRDATTDGLTNLANRKAFDDELDRACAEAEEGGTT
ICLAVLDIDHFKGFNDTWGHQTGDQVIRYVASVIGRVAAPPRFAARYGGAAFAMIFPREAASVVATTLEEIRVEVSSRML
KRRSTNEDLGAITVSSGFAERKPGESGHSVMERADAALYASKRGGRNRVTAAESMPGAANAA
;
_entity_poly.pdbx_strand_id   A,B
#
# COMPACT_ATOMS: atom_id res chain seq x y z
N GLN A 22 -5.83 24.00 -47.09
CA GLN A 22 -6.11 24.29 -45.69
C GLN A 22 -6.50 23.03 -44.91
N SER A 23 -5.52 22.19 -44.63
CA SER A 23 -5.69 20.99 -43.79
C SER A 23 -5.84 21.33 -42.31
N LEU A 24 -5.94 22.62 -42.01
CA LEU A 24 -5.76 23.12 -40.65
C LEU A 24 -6.93 22.74 -39.75
N GLU A 25 -8.16 22.88 -40.25
CA GLU A 25 -9.34 22.55 -39.44
C GLU A 25 -9.37 21.07 -39.04
N ALA A 26 -8.61 20.22 -39.73
CA ALA A 26 -8.55 18.81 -39.36
C ALA A 26 -7.64 18.54 -38.17
N ARG A 27 -6.60 19.37 -37.98
CA ARG A 27 -5.69 19.19 -36.85
C ARG A 27 -6.19 19.85 -35.58
N LEU A 28 -7.08 20.84 -35.68
CA LEU A 28 -7.69 21.41 -34.48
C LEU A 28 -8.88 20.58 -34.00
N ALA A 29 -9.54 19.86 -34.91
CA ALA A 29 -10.52 18.87 -34.48
C ALA A 29 -9.84 17.67 -33.83
N ASP A 30 -8.58 17.38 -34.21
CA ASP A 30 -7.79 16.35 -33.56
C ASP A 30 -7.14 16.83 -32.26
N SER A 31 -6.92 18.14 -32.12
CA SER A 31 -6.18 18.67 -30.98
C SER A 31 -7.08 18.93 -29.78
N THR A 32 -8.30 19.42 -30.00
CA THR A 32 -9.27 19.53 -28.92
C THR A 32 -9.90 18.19 -28.56
N ALA A 33 -9.45 17.11 -29.19
CA ALA A 33 -9.83 15.75 -28.85
C ALA A 33 -8.84 15.07 -27.91
N GLU A 34 -7.53 15.24 -28.15
CA GLU A 34 -6.54 14.73 -27.21
C GLU A 34 -6.60 15.48 -25.88
N VAL A 35 -7.05 16.75 -25.89
CA VAL A 35 -7.30 17.44 -24.64
C VAL A 35 -8.45 16.78 -23.88
N GLU A 36 -9.48 16.34 -24.60
CA GLU A 36 -10.60 15.66 -23.93
C GLU A 36 -10.22 14.25 -23.50
N ARG A 37 -9.44 13.53 -24.32
CA ARG A 37 -9.00 12.20 -23.95
C ARG A 37 -8.16 12.22 -22.68
N LEU A 38 -7.24 13.16 -22.58
CA LEU A 38 -6.28 13.16 -21.49
C LEU A 38 -6.83 13.80 -20.21
N ARG A 39 -7.55 14.92 -20.33
CA ARG A 39 -8.14 15.55 -19.15
C ARG A 39 -9.07 14.59 -18.41
N GLU A 40 -9.81 13.77 -19.16
CA GLU A 40 -10.55 12.67 -18.54
C GLU A 40 -9.59 11.60 -18.05
N HIS A 41 -8.64 11.19 -18.88
CA HIS A 41 -7.70 10.15 -18.48
C HIS A 41 -6.91 10.57 -17.25
N LEU A 42 -6.57 11.86 -17.13
CA LEU A 42 -5.80 12.34 -15.99
C LEU A 42 -6.62 12.30 -14.71
N GLU A 43 -7.88 12.72 -14.77
CA GLU A 43 -8.75 12.58 -13.60
C GLU A 43 -8.96 11.12 -13.23
N GLN A 44 -8.97 10.23 -14.23
CA GLN A 44 -9.10 8.81 -13.93
C GLN A 44 -7.85 8.28 -13.23
N VAL A 45 -6.66 8.65 -13.71
CA VAL A 45 -5.43 8.23 -13.04
C VAL A 45 -5.34 8.83 -11.65
N ARG A 46 -5.85 10.05 -11.48
CA ARG A 46 -5.83 10.67 -10.17
C ARG A 46 -6.68 9.89 -9.18
N ARG A 47 -7.90 9.54 -9.58
CA ARG A 47 -8.79 8.77 -8.70
C ARG A 47 -8.13 7.45 -8.29
N ASP A 48 -7.51 6.76 -9.23
CA ASP A 48 -6.96 5.44 -8.93
C ASP A 48 -5.68 5.52 -8.12
N ALA A 49 -4.99 6.67 -8.14
CA ALA A 49 -3.82 6.86 -7.30
C ALA A 49 -4.18 7.07 -5.84
N THR A 50 -5.48 7.22 -5.52
CA THR A 50 -5.94 7.62 -4.20
C THR A 50 -7.07 6.74 -3.66
N THR A 51 -7.37 5.63 -4.32
CA THR A 51 -8.50 4.78 -3.98
C THR A 51 -8.04 3.33 -3.85
N ASP A 52 -8.45 2.68 -2.76
CA ASP A 52 -8.21 1.25 -2.62
C ASP A 52 -9.31 0.50 -3.37
N GLY A 53 -8.95 -0.16 -4.47
CA GLY A 53 -9.95 -0.78 -5.33
C GLY A 53 -10.52 -2.09 -4.82
N LEU A 54 -10.07 -2.57 -3.67
CA LEU A 54 -10.77 -3.68 -3.04
C LEU A 54 -12.00 -3.18 -2.28
N THR A 55 -11.88 -2.05 -1.59
CA THR A 55 -12.94 -1.55 -0.73
C THR A 55 -13.56 -0.26 -1.22
N ASN A 56 -12.91 0.44 -2.13
CA ASN A 56 -13.34 1.74 -2.67
C ASN A 56 -13.23 2.88 -1.66
N LEU A 57 -12.67 2.64 -0.48
CA LEU A 57 -12.31 3.73 0.41
C LEU A 57 -11.05 4.40 -0.12
N ALA A 58 -10.55 5.39 0.60
CA ALA A 58 -9.25 5.95 0.25
C ALA A 58 -8.15 4.94 0.56
N ASN A 59 -6.98 5.15 -0.05
CA ASN A 59 -5.79 4.35 0.21
C ASN A 59 -4.90 5.10 1.19
N ARG A 60 -3.68 4.58 1.43
CA ARG A 60 -2.86 5.15 2.49
C ARG A 60 -2.25 6.49 2.09
N LYS A 61 -1.82 6.64 0.83
CA LYS A 61 -1.26 7.91 0.39
C LYS A 61 -2.30 9.01 0.53
N ALA A 62 -3.51 8.76 0.02
CA ALA A 62 -4.54 9.80 0.04
C ALA A 62 -4.90 10.20 1.46
N PHE A 63 -4.72 9.30 2.42
CA PHE A 63 -5.06 9.62 3.81
C PHE A 63 -3.98 10.48 4.45
N ASP A 64 -2.73 10.03 4.43
CA ASP A 64 -1.64 10.77 5.03
C ASP A 64 -1.57 12.19 4.46
N ASP A 65 -1.84 12.35 3.17
CA ASP A 65 -1.95 13.68 2.59
C ASP A 65 -3.14 14.42 3.17
N GLU A 66 -4.30 13.77 3.25
CA GLU A 66 -5.48 14.42 3.81
C GLU A 66 -5.30 14.77 5.28
N LEU A 67 -4.56 13.95 6.02
CA LEU A 67 -4.31 14.24 7.44
C LEU A 67 -3.49 15.52 7.59
N ASP A 68 -2.51 15.73 6.72
CA ASP A 68 -1.69 16.94 6.82
C ASP A 68 -2.51 18.18 6.50
N ARG A 69 -3.42 18.09 5.53
CA ARG A 69 -4.27 19.22 5.21
C ARG A 69 -5.15 19.59 6.39
N ALA A 70 -5.75 18.59 7.04
CA ALA A 70 -6.70 18.83 8.12
C ALA A 70 -6.03 19.23 9.43
N CYS A 71 -4.77 18.81 9.65
CA CYS A 71 -4.02 19.33 10.78
C CYS A 71 -3.52 20.74 10.53
N ALA A 72 -3.19 21.05 9.27
CA ALA A 72 -2.90 22.42 8.91
C ALA A 72 -4.11 23.31 9.15
N GLU A 73 -5.27 22.93 8.58
CA GLU A 73 -6.45 23.77 8.66
C GLU A 73 -7.01 23.85 10.08
N ALA A 74 -6.76 22.83 10.92
CA ALA A 74 -7.19 22.89 12.31
C ALA A 74 -6.31 23.78 13.17
N GLU A 75 -5.10 24.07 12.72
CA GLU A 75 -4.26 25.00 13.45
C GLU A 75 -4.57 26.44 13.03
N GLU A 76 -4.61 26.70 11.71
CA GLU A 76 -5.00 28.02 11.22
C GLU A 76 -6.35 28.43 11.78
N GLY A 77 -7.31 27.52 11.81
CA GLY A 77 -8.64 27.79 12.31
C GLY A 77 -8.84 27.60 13.79
N GLY A 78 -7.79 27.26 14.55
CA GLY A 78 -7.92 27.11 15.98
C GLY A 78 -8.95 26.11 16.42
N THR A 79 -9.31 25.17 15.55
CA THR A 79 -10.33 24.17 15.80
C THR A 79 -9.68 22.78 15.91
N THR A 80 -10.47 21.80 16.30
CA THR A 80 -9.94 20.50 16.67
C THR A 80 -10.31 19.43 15.64
N ILE A 81 -9.63 18.28 15.75
CA ILE A 81 -9.92 17.10 14.93
C ILE A 81 -9.58 15.86 15.75
N CYS A 82 -10.35 14.80 15.54
CA CYS A 82 -10.12 13.50 16.17
C CYS A 82 -9.72 12.50 15.10
N LEU A 83 -9.18 11.37 15.55
CA LEU A 83 -8.51 10.45 14.65
C LEU A 83 -8.63 9.04 15.18
N ALA A 84 -9.08 8.12 14.33
CA ALA A 84 -9.42 6.76 14.75
C ALA A 84 -8.69 5.73 13.91
N VAL A 85 -8.27 4.65 14.56
CA VAL A 85 -7.61 3.53 13.91
C VAL A 85 -8.37 2.27 14.28
N LEU A 86 -8.66 1.43 13.28
CA LEU A 86 -9.40 0.19 13.46
C LEU A 86 -8.64 -0.94 12.79
N ASP A 87 -8.49 -2.06 13.49
CA ASP A 87 -7.91 -3.29 12.92
C ASP A 87 -8.93 -4.41 13.09
N ILE A 88 -8.96 -5.31 12.12
CA ILE A 88 -9.84 -6.49 12.19
C ILE A 88 -9.15 -7.56 13.04
N ASP A 89 -9.88 -8.07 14.03
CA ASP A 89 -9.32 -9.02 14.99
C ASP A 89 -9.12 -10.38 14.35
N HIS A 90 -7.92 -10.95 14.55
CA HIS A 90 -7.61 -12.31 14.11
C HIS A 90 -7.81 -12.48 12.61
N PHE A 91 -7.41 -11.47 11.84
CA PHE A 91 -7.69 -11.51 10.42
C PHE A 91 -6.88 -12.59 9.71
N LYS A 92 -5.62 -12.79 10.12
CA LYS A 92 -4.81 -13.79 9.44
C LYS A 92 -5.50 -15.16 9.48
N GLY A 93 -6.12 -15.49 10.61
CA GLY A 93 -6.84 -16.75 10.73
C GLY A 93 -8.01 -16.89 9.76
N PHE A 94 -8.47 -15.79 9.16
CA PHE A 94 -9.53 -15.88 8.17
C PHE A 94 -8.96 -16.31 6.82
N ASN A 95 -7.91 -15.63 6.35
CA ASN A 95 -7.22 -16.07 5.14
C ASN A 95 -6.82 -17.54 5.25
N ASP A 96 -6.35 -17.95 6.43
CA ASP A 96 -5.81 -19.30 6.61
C ASP A 96 -6.91 -20.35 6.56
N THR A 97 -8.04 -20.10 7.24
CA THR A 97 -9.13 -21.08 7.29
C THR A 97 -9.91 -21.14 5.97
N TRP A 98 -10.31 -19.98 5.42
CA TRP A 98 -11.27 -19.93 4.34
C TRP A 98 -10.70 -19.55 2.98
N GLY A 99 -9.46 -19.09 2.93
CA GLY A 99 -8.92 -18.71 1.64
C GLY A 99 -8.90 -17.21 1.45
N HIS A 100 -7.96 -16.74 0.65
CA HIS A 100 -7.81 -15.31 0.42
C HIS A 100 -9.05 -14.70 -0.24
N GLN A 101 -9.82 -15.50 -0.97
CA GLN A 101 -11.03 -14.98 -1.61
C GLN A 101 -12.08 -14.58 -0.57
N THR A 102 -12.25 -15.40 0.46
CA THR A 102 -13.09 -15.02 1.59
C THR A 102 -12.50 -13.82 2.34
N GLY A 103 -11.17 -13.78 2.49
CA GLY A 103 -10.55 -12.73 3.27
C GLY A 103 -10.85 -11.34 2.72
N ASP A 104 -10.89 -11.21 1.39
CA ASP A 104 -11.22 -9.93 0.77
C ASP A 104 -12.66 -9.55 1.06
N GLN A 105 -13.53 -10.52 1.26
CA GLN A 105 -14.90 -10.20 1.59
C GLN A 105 -15.03 -9.71 3.02
N VAL A 106 -14.21 -10.25 3.93
CA VAL A 106 -14.23 -9.74 5.30
C VAL A 106 -13.74 -8.30 5.32
N ILE A 107 -12.73 -7.97 4.53
CA ILE A 107 -12.26 -6.59 4.48
C ILE A 107 -13.33 -5.69 3.87
N ARG A 108 -13.93 -6.14 2.75
CA ARG A 108 -15.00 -5.37 2.11
C ARG A 108 -16.14 -5.13 3.07
N TYR A 109 -16.52 -6.15 3.84
CA TYR A 109 -17.64 -6.02 4.76
C TYR A 109 -17.38 -4.96 5.83
N VAL A 110 -16.23 -5.06 6.52
CA VAL A 110 -15.93 -4.10 7.58
C VAL A 110 -15.74 -2.71 7.01
N ALA A 111 -15.08 -2.62 5.84
CA ALA A 111 -14.96 -1.34 5.17
C ALA A 111 -16.33 -0.74 4.88
N SER A 112 -17.29 -1.57 4.49
CA SER A 112 -18.62 -1.07 4.16
C SER A 112 -19.30 -0.45 5.38
N VAL A 113 -19.12 -1.05 6.55
CA VAL A 113 -19.66 -0.46 7.78
C VAL A 113 -19.03 0.89 8.03
N ILE A 114 -17.70 0.94 7.96
CA ILE A 114 -16.96 2.20 8.10
C ILE A 114 -17.38 3.22 7.04
N GLY A 115 -17.72 2.76 5.84
CA GLY A 115 -18.10 3.68 4.78
C GLY A 115 -19.46 4.33 4.98
N ARG A 116 -20.48 3.53 5.32
CA ARG A 116 -21.80 4.09 5.59
C ARG A 116 -21.76 5.20 6.63
N VAL A 117 -20.72 5.24 7.46
CA VAL A 117 -20.64 6.07 8.64
C VAL A 117 -19.65 7.24 8.46
N ALA A 118 -18.92 7.28 7.36
CA ALA A 118 -17.89 8.29 7.15
C ALA A 118 -18.22 9.23 5.99
N ALA A 119 -19.47 9.66 5.87
CA ALA A 119 -19.79 10.68 4.89
C ALA A 119 -18.99 11.95 5.19
N PRO A 120 -18.61 12.71 4.16
CA PRO A 120 -17.91 13.98 4.40
C PRO A 120 -18.68 14.86 5.37
N PRO A 121 -18.00 15.67 6.18
CA PRO A 121 -16.57 15.99 6.20
C PRO A 121 -15.67 14.93 6.82
N ARG A 122 -16.26 13.84 7.31
CA ARG A 122 -15.46 12.70 7.75
C ARG A 122 -14.74 12.10 6.55
N PHE A 123 -13.70 11.31 6.85
CA PHE A 123 -12.84 10.76 5.81
C PHE A 123 -12.28 9.42 6.26
N ALA A 124 -12.66 8.35 5.57
CA ALA A 124 -12.17 7.02 5.91
C ALA A 124 -11.25 6.51 4.82
N ALA A 125 -10.30 5.66 5.23
CA ALA A 125 -9.38 5.05 4.29
C ALA A 125 -8.94 3.70 4.84
N ARG A 126 -8.39 2.87 3.96
CA ARG A 126 -7.74 1.61 4.37
C ARG A 126 -6.24 1.88 4.55
N TYR A 127 -5.86 2.22 5.77
CA TYR A 127 -4.47 2.32 6.18
C TYR A 127 -3.91 0.92 6.36
N GLY A 128 -2.79 0.62 5.71
CA GLY A 128 -2.18 -0.66 6.02
C GLY A 128 -3.00 -1.85 5.51
N GLY A 129 -2.82 -2.99 6.20
CA GLY A 129 -3.24 -4.27 5.66
C GLY A 129 -4.72 -4.57 5.79
N ALA A 130 -5.16 -4.95 7.00
CA ALA A 130 -6.57 -5.09 7.31
C ALA A 130 -7.02 -4.03 8.32
N ALA A 131 -6.37 -2.87 8.30
CA ALA A 131 -6.65 -1.77 9.21
C ALA A 131 -7.28 -0.60 8.47
N PHE A 132 -8.00 0.23 9.21
CA PHE A 132 -8.62 1.42 8.67
C PHE A 132 -8.27 2.62 9.55
N ALA A 133 -8.30 3.81 8.94
CA ALA A 133 -8.12 5.06 9.66
C ALA A 133 -9.18 6.07 9.23
N MET A 134 -9.68 6.85 10.19
CA MET A 134 -10.78 7.77 9.95
C MET A 134 -10.46 9.14 10.54
N ILE A 135 -10.95 10.18 9.88
CA ILE A 135 -10.80 11.56 10.32
C ILE A 135 -12.18 12.10 10.71
N PHE A 136 -12.29 12.56 11.96
CA PHE A 136 -13.45 13.28 12.48
C PHE A 136 -13.02 14.72 12.75
N PRO A 137 -13.21 15.65 11.81
CA PRO A 137 -12.91 17.06 12.08
C PRO A 137 -14.03 17.80 12.80
N ARG A 138 -13.66 18.59 13.80
CA ARG A 138 -14.59 19.47 14.51
C ARG A 138 -15.71 18.67 15.16
N GLU A 139 -15.38 17.52 15.72
CA GLU A 139 -16.38 16.66 16.34
C GLU A 139 -16.05 16.49 17.82
N ALA A 140 -17.10 16.44 18.63
CA ALA A 140 -16.91 16.17 20.05
C ALA A 140 -16.40 14.76 20.25
N ALA A 141 -15.41 14.62 21.12
CA ALA A 141 -14.87 13.29 21.42
C ALA A 141 -15.96 12.31 21.82
N SER A 142 -17.01 12.79 22.48
CA SER A 142 -18.07 11.89 22.92
C SER A 142 -18.78 11.26 21.74
N VAL A 143 -19.02 12.03 20.69
CA VAL A 143 -19.74 11.51 19.53
C VAL A 143 -18.85 10.54 18.76
N VAL A 144 -17.57 10.85 18.64
CA VAL A 144 -16.64 9.93 18.01
C VAL A 144 -16.60 8.60 18.75
N ALA A 145 -16.61 8.66 20.09
CA ALA A 145 -16.56 7.43 20.86
C ALA A 145 -17.81 6.59 20.64
N THR A 146 -18.99 7.22 20.61
CA THR A 146 -20.18 6.41 20.38
C THR A 146 -20.30 6.00 18.92
N THR A 147 -19.78 6.80 17.98
CA THR A 147 -19.73 6.36 16.59
C THR A 147 -18.89 5.09 16.44
N LEU A 148 -17.69 5.07 17.02
CA LEU A 148 -16.84 3.90 16.95
C LEU A 148 -17.51 2.69 17.60
N GLU A 149 -18.18 2.91 18.74
CA GLU A 149 -18.84 1.80 19.41
C GLU A 149 -20.00 1.24 18.58
N GLU A 150 -20.67 2.10 17.80
CA GLU A 150 -21.70 1.60 16.90
C GLU A 150 -21.09 0.74 15.80
N ILE A 151 -19.96 1.18 15.24
CA ILE A 151 -19.23 0.37 14.27
C ILE A 151 -18.91 -1.00 14.86
N ARG A 152 -18.58 -1.04 16.14
CA ARG A 152 -18.16 -2.29 16.76
C ARG A 152 -19.33 -3.26 16.88
N VAL A 153 -20.48 -2.80 17.38
CA VAL A 153 -21.65 -3.69 17.46
C VAL A 153 -22.14 -4.06 16.07
N GLU A 154 -21.94 -3.16 15.10
CA GLU A 154 -22.48 -3.37 13.76
C GLU A 154 -21.80 -4.54 13.06
N VAL A 155 -20.45 -4.51 12.99
CA VAL A 155 -19.75 -5.59 12.29
C VAL A 155 -19.98 -6.94 12.97
N SER A 156 -20.17 -6.94 14.29
CA SER A 156 -20.39 -8.19 15.01
C SER A 156 -21.86 -8.57 15.10
N SER A 157 -22.76 -7.74 14.56
CA SER A 157 -24.19 -7.98 14.71
C SER A 157 -24.65 -9.21 13.95
N ARG A 158 -24.10 -9.43 12.75
CA ARG A 158 -24.51 -10.51 11.86
C ARG A 158 -23.43 -11.57 11.78
N MET A 159 -23.83 -12.80 11.44
CA MET A 159 -22.91 -13.92 11.23
C MET A 159 -22.83 -14.19 9.73
N LEU A 160 -21.72 -13.79 9.12
CA LEU A 160 -21.55 -13.91 7.68
C LEU A 160 -21.41 -15.36 7.25
N LYS A 161 -21.81 -15.64 6.01
CA LYS A 161 -21.72 -16.99 5.45
C LYS A 161 -20.78 -17.00 4.27
N ARG A 162 -20.04 -18.09 4.11
CA ARG A 162 -19.12 -18.23 2.98
C ARG A 162 -19.91 -18.29 1.68
N ARG A 163 -19.48 -17.52 0.67
CA ARG A 163 -20.23 -17.39 -0.57
C ARG A 163 -20.46 -18.75 -1.23
N SER A 164 -19.37 -19.46 -1.53
CA SER A 164 -19.50 -20.74 -2.23
C SER A 164 -20.29 -21.74 -1.41
N THR A 165 -19.79 -22.10 -0.24
CA THR A 165 -20.22 -23.29 0.48
C THR A 165 -21.24 -23.02 1.57
N ASN A 166 -21.62 -21.76 1.79
CA ASN A 166 -22.77 -21.42 2.62
C ASN A 166 -22.60 -21.90 4.07
N GLU A 167 -21.48 -21.52 4.68
CA GLU A 167 -21.18 -21.92 6.06
C GLU A 167 -20.80 -20.71 6.90
N ASP A 168 -21.02 -20.84 8.21
CA ASP A 168 -20.68 -19.78 9.14
C ASP A 168 -19.19 -19.52 9.15
N LEU A 169 -18.80 -18.30 8.76
CA LEU A 169 -17.41 -17.88 8.84
C LEU A 169 -16.94 -17.64 10.27
N GLY A 170 -17.86 -17.48 11.21
CA GLY A 170 -17.52 -17.16 12.58
C GLY A 170 -17.83 -15.72 12.91
N ALA A 171 -17.60 -15.38 14.18
CA ALA A 171 -17.71 -13.99 14.61
C ALA A 171 -16.65 -13.14 13.94
N ILE A 172 -17.00 -11.88 13.69
CA ILE A 172 -16.08 -10.88 13.15
C ILE A 172 -16.16 -9.67 14.07
N THR A 173 -15.05 -9.34 14.71
CA THR A 173 -15.01 -8.18 15.60
C THR A 173 -13.88 -7.24 15.18
N VAL A 174 -14.00 -6.00 15.61
CA VAL A 174 -13.09 -4.94 15.24
C VAL A 174 -12.55 -4.30 16.53
N SER A 175 -11.23 -4.13 16.59
CA SER A 175 -10.62 -3.33 17.64
C SER A 175 -10.38 -1.93 17.13
N SER A 176 -10.21 -1.00 18.05
CA SER A 176 -10.36 0.40 17.71
C SER A 176 -9.62 1.26 18.72
N GLY A 177 -9.02 2.34 18.25
CA GLY A 177 -8.40 3.32 19.12
C GLY A 177 -8.48 4.69 18.50
N PHE A 178 -8.52 5.72 19.34
CA PHE A 178 -8.62 7.08 18.81
C PHE A 178 -8.05 8.11 19.78
N ALA A 179 -7.85 9.30 19.26
CA ALA A 179 -7.17 10.38 19.97
C ALA A 179 -7.57 11.70 19.34
N GLU A 180 -7.64 12.73 20.16
CA GLU A 180 -7.94 14.08 19.70
C GLU A 180 -6.65 14.89 19.61
N ARG A 181 -6.57 15.77 18.61
CA ARG A 181 -5.33 16.48 18.35
C ARG A 181 -5.13 17.61 19.35
N LYS A 182 -4.02 17.57 20.09
CA LYS A 182 -3.62 18.69 20.94
C LYS A 182 -3.11 19.85 20.09
N PRO A 183 -3.18 21.09 20.61
CA PRO A 183 -3.00 22.26 19.73
C PRO A 183 -1.71 22.31 18.91
N GLY A 184 -0.59 21.88 19.46
CA GLY A 184 0.61 21.98 18.63
C GLY A 184 0.94 20.76 17.79
N GLU A 185 0.09 19.73 17.82
CA GLU A 185 0.49 18.39 17.43
C GLU A 185 0.54 18.23 15.92
N SER A 186 1.56 17.52 15.45
CA SER A 186 1.68 17.14 14.06
C SER A 186 0.87 15.90 13.76
N GLY A 187 0.53 15.72 12.48
CA GLY A 187 -0.27 14.56 12.09
C GLY A 187 0.39 13.26 12.48
N HIS A 188 1.70 13.15 12.22
CA HIS A 188 2.52 12.05 12.71
C HIS A 188 2.24 11.73 14.17
N SER A 189 2.19 12.78 15.01
CA SER A 189 2.12 12.57 16.46
C SER A 189 0.75 12.08 16.90
N VAL A 190 -0.32 12.61 16.32
CA VAL A 190 -1.66 12.15 16.66
C VAL A 190 -1.81 10.66 16.35
N MET A 191 -1.36 10.25 15.16
CA MET A 191 -1.47 8.84 14.77
C MET A 191 -0.71 7.93 15.71
N GLU A 192 0.42 8.40 16.25
CA GLU A 192 1.15 7.57 17.21
C GLU A 192 0.30 7.33 18.45
N ARG A 193 -0.38 8.37 18.93
CA ARG A 193 -1.28 8.22 20.07
C ARG A 193 -2.48 7.33 19.73
N ALA A 194 -3.12 7.59 18.58
CA ALA A 194 -4.23 6.73 18.17
C ALA A 194 -3.77 5.28 18.06
N ASP A 195 -2.54 5.04 17.62
CA ASP A 195 -2.02 3.68 17.47
C ASP A 195 -1.79 3.02 18.82
N ALA A 196 -1.23 3.77 19.78
CA ALA A 196 -1.09 3.26 21.13
C ALA A 196 -2.44 2.88 21.72
N ALA A 197 -3.46 3.73 21.48
CA ALA A 197 -4.80 3.40 21.93
C ALA A 197 -5.27 2.08 21.32
N LEU A 198 -5.02 1.87 20.04
CA LEU A 198 -5.41 0.61 19.41
C LEU A 198 -4.67 -0.57 20.02
N TYR A 199 -3.37 -0.41 20.33
CA TYR A 199 -2.62 -1.50 20.96
C TYR A 199 -3.19 -1.85 22.32
N ALA A 200 -3.68 -0.84 23.06
CA ALA A 200 -4.33 -1.11 24.34
C ALA A 200 -5.61 -1.92 24.15
N SER A 201 -6.41 -1.56 23.13
CA SER A 201 -7.63 -2.30 22.86
C SER A 201 -7.33 -3.78 22.58
N LYS A 202 -6.35 -4.03 21.71
CA LYS A 202 -6.00 -5.41 21.41
C LYS A 202 -5.44 -6.13 22.63
N ARG A 203 -4.52 -5.48 23.35
CA ARG A 203 -3.92 -6.11 24.52
C ARG A 203 -4.92 -6.37 25.62
N GLY A 204 -6.06 -5.67 25.62
CA GLY A 204 -7.04 -5.76 26.68
C GLY A 204 -8.24 -6.62 26.35
N GLY A 205 -8.14 -7.45 25.31
CA GLY A 205 -9.18 -8.41 24.99
C GLY A 205 -9.78 -8.30 23.61
N ARG A 206 -9.39 -7.30 22.82
CA ARG A 206 -9.95 -7.04 21.50
C ARG A 206 -11.45 -6.73 21.56
N ASN A 207 -12.04 -6.43 20.41
CA ASN A 207 -13.45 -6.12 20.29
C ASN A 207 -13.85 -5.04 21.28
N ARG A 208 -13.21 -3.88 21.16
CA ARG A 208 -13.50 -2.77 22.04
C ARG A 208 -12.93 -1.49 21.44
N VAL A 209 -13.17 -0.39 22.14
CA VAL A 209 -12.73 0.95 21.76
C VAL A 209 -12.03 1.55 22.97
N THR A 210 -10.83 2.10 22.77
CA THR A 210 -10.16 2.83 23.84
C THR A 210 -9.55 4.11 23.30
N ALA A 211 -9.28 5.06 24.21
CA ALA A 211 -8.80 6.38 23.81
C ALA A 211 -7.93 6.99 24.90
N ALA A 212 -6.92 7.74 24.49
CA ALA A 212 -6.11 8.49 25.46
C ALA A 212 -6.86 9.72 26.00
N GLY B 18 -4.74 34.70 -44.17
CA GLY B 18 -5.59 35.73 -43.59
C GLY B 18 -6.53 35.31 -42.46
N SER B 19 -6.68 36.20 -41.47
CA SER B 19 -7.56 36.13 -40.30
C SER B 19 -8.04 34.76 -39.86
N HIS B 20 -8.99 34.16 -40.58
CA HIS B 20 -9.53 32.88 -40.13
C HIS B 20 -8.47 31.79 -40.18
N MET B 21 -7.61 31.80 -41.21
CA MET B 21 -6.42 30.95 -41.21
C MET B 21 -5.58 31.19 -39.96
N GLN B 22 -5.62 32.42 -39.44
CA GLN B 22 -4.83 32.84 -38.29
C GLN B 22 -5.56 32.71 -36.96
N SER B 23 -6.90 32.79 -36.96
CA SER B 23 -7.67 32.42 -35.78
C SER B 23 -7.55 30.93 -35.48
N LEU B 24 -7.13 30.12 -36.46
CA LEU B 24 -6.98 28.68 -36.28
C LEU B 24 -5.60 28.30 -35.74
N GLU B 25 -4.54 28.92 -36.29
CA GLU B 25 -3.19 28.67 -35.78
C GLU B 25 -3.02 29.16 -34.34
N ALA B 26 -3.83 30.13 -33.91
CA ALA B 26 -3.81 30.57 -32.52
C ALA B 26 -4.56 29.60 -31.61
N ARG B 27 -5.59 28.93 -32.13
CA ARG B 27 -6.29 27.93 -31.32
C ARG B 27 -5.53 26.62 -31.30
N LEU B 28 -4.83 26.26 -32.38
CA LEU B 28 -4.05 25.03 -32.44
C LEU B 28 -2.76 25.12 -31.64
N ALA B 29 -2.22 26.33 -31.45
CA ALA B 29 -1.06 26.48 -30.57
C ALA B 29 -1.49 26.45 -29.10
N ASP B 30 -2.61 27.08 -28.76
CA ASP B 30 -3.15 26.97 -27.41
C ASP B 30 -3.67 25.56 -27.12
N SER B 31 -3.89 24.74 -28.15
CA SER B 31 -4.40 23.39 -27.99
C SER B 31 -3.31 22.33 -27.95
N THR B 32 -2.26 22.45 -28.78
CA THR B 32 -1.14 21.53 -28.68
C THR B 32 -0.19 21.88 -27.55
N ALA B 33 -0.42 22.99 -26.85
CA ALA B 33 0.32 23.32 -25.64
C ALA B 33 -0.34 22.75 -24.40
N GLU B 34 -1.67 22.76 -24.33
CA GLU B 34 -2.36 22.02 -23.28
C GLU B 34 -2.19 20.51 -23.46
N VAL B 35 -1.88 20.04 -24.68
CA VAL B 35 -1.56 18.63 -24.86
C VAL B 35 -0.29 18.27 -24.10
N GLU B 36 0.73 19.13 -24.20
CA GLU B 36 1.98 18.87 -23.50
C GLU B 36 1.90 19.22 -22.02
N ARG B 37 1.21 20.29 -21.67
CA ARG B 37 0.98 20.62 -20.27
C ARG B 37 0.29 19.48 -19.54
N LEU B 38 -0.58 18.74 -20.23
CA LEU B 38 -1.24 17.60 -19.62
C LEU B 38 -0.43 16.31 -19.75
N ARG B 39 0.17 16.06 -20.91
CA ARG B 39 0.94 14.83 -21.11
C ARG B 39 2.15 14.76 -20.18
N GLU B 40 2.69 15.91 -19.78
CA GLU B 40 3.74 15.91 -18.76
C GLU B 40 3.14 15.76 -17.37
N HIS B 41 2.03 16.44 -17.09
CA HIS B 41 1.35 16.25 -15.82
C HIS B 41 0.81 14.83 -15.69
N LEU B 42 0.44 14.20 -16.82
CA LEU B 42 -0.03 12.82 -16.78
C LEU B 42 1.10 11.86 -16.45
N GLU B 43 2.32 12.16 -16.89
CA GLU B 43 3.43 11.25 -16.62
C GLU B 43 3.80 11.27 -15.14
N GLN B 44 3.69 12.42 -14.47
CA GLN B 44 4.07 12.46 -13.06
C GLN B 44 2.96 11.95 -12.14
N VAL B 45 1.69 12.08 -12.55
CA VAL B 45 0.65 11.40 -11.80
C VAL B 45 0.76 9.89 -12.00
N ARG B 46 1.24 9.46 -13.15
CA ARG B 46 1.40 8.03 -13.41
C ARG B 46 2.59 7.47 -12.65
N ARG B 47 3.70 8.22 -12.56
CA ARG B 47 4.84 7.79 -11.78
C ARG B 47 4.45 7.53 -10.34
N ASP B 48 3.66 8.42 -9.75
CA ASP B 48 3.25 8.29 -8.36
C ASP B 48 2.07 7.34 -8.17
N ALA B 49 1.27 7.11 -9.21
CA ALA B 49 0.26 6.07 -9.12
C ALA B 49 0.87 4.68 -9.03
N THR B 50 2.13 4.53 -9.47
CA THR B 50 2.83 3.25 -9.45
C THR B 50 3.95 3.18 -8.41
N THR B 51 4.14 4.22 -7.62
CA THR B 51 5.19 4.26 -6.60
C THR B 51 4.56 4.04 -5.23
N ASP B 52 4.98 2.95 -4.56
CA ASP B 52 4.55 2.69 -3.19
C ASP B 52 5.03 3.80 -2.28
N GLY B 53 4.09 4.54 -1.67
CA GLY B 53 4.44 5.78 -1.00
C GLY B 53 5.42 5.61 0.14
N LEU B 54 5.29 4.53 0.91
CA LEU B 54 6.10 4.40 2.12
C LEU B 54 7.58 4.30 1.80
N THR B 55 7.94 3.54 0.76
CA THR B 55 9.32 3.11 0.55
C THR B 55 9.97 3.71 -0.69
N ASN B 56 9.20 4.33 -1.57
CA ASN B 56 9.70 4.87 -2.83
C ASN B 56 10.19 3.77 -3.76
N LEU B 57 9.58 2.60 -3.68
CA LEU B 57 9.75 1.53 -4.65
C LEU B 57 8.46 1.38 -5.45
N ALA B 58 8.45 0.42 -6.37
CA ALA B 58 7.21 0.13 -7.08
C ALA B 58 6.27 -0.65 -6.18
N ASN B 59 4.99 -0.61 -6.52
CA ASN B 59 3.97 -1.35 -5.81
C ASN B 59 3.67 -2.64 -6.57
N ARG B 60 2.90 -3.53 -5.93
CA ARG B 60 2.61 -4.82 -6.55
C ARG B 60 2.07 -4.64 -7.96
N LYS B 61 1.18 -3.67 -8.15
CA LYS B 61 0.61 -3.42 -9.47
C LYS B 61 1.70 -3.10 -10.48
N ALA B 62 2.51 -2.07 -10.20
CA ALA B 62 3.62 -1.72 -11.09
C ALA B 62 4.53 -2.92 -11.34
N PHE B 63 4.65 -3.80 -10.35
CA PHE B 63 5.52 -4.95 -10.50
C PHE B 63 4.90 -6.00 -11.42
N ASP B 64 3.64 -6.38 -11.15
CA ASP B 64 2.98 -7.39 -11.98
C ASP B 64 2.90 -6.97 -13.44
N ASP B 65 2.78 -5.67 -13.70
CA ASP B 65 2.84 -5.17 -15.07
C ASP B 65 4.25 -5.32 -15.64
N GLU B 66 5.27 -4.88 -14.89
CA GLU B 66 6.63 -4.92 -15.40
C GLU B 66 7.14 -6.35 -15.55
N LEU B 67 6.70 -7.26 -14.67
CA LEU B 67 7.12 -8.66 -14.76
C LEU B 67 6.58 -9.31 -16.03
N ASP B 68 5.36 -8.95 -16.43
CA ASP B 68 4.80 -9.50 -17.66
C ASP B 68 5.53 -8.94 -18.88
N ARG B 69 5.74 -7.62 -18.91
CA ARG B 69 6.45 -7.01 -20.03
C ARG B 69 7.86 -7.58 -20.16
N ALA B 70 8.54 -7.82 -19.04
CA ALA B 70 9.90 -8.34 -19.08
C ALA B 70 9.94 -9.82 -19.44
N CYS B 71 8.85 -10.56 -19.28
CA CYS B 71 8.81 -11.94 -19.72
C CYS B 71 8.61 -12.04 -21.24
N ALA B 72 7.91 -11.07 -21.82
CA ALA B 72 7.87 -10.98 -23.29
C ALA B 72 9.27 -10.76 -23.85
N GLU B 73 10.02 -9.80 -23.28
CA GLU B 73 11.39 -9.54 -23.72
C GLU B 73 12.28 -10.76 -23.54
N ALA B 74 11.91 -11.70 -22.68
CA ALA B 74 12.71 -12.91 -22.46
C ALA B 74 12.30 -14.05 -23.38
N GLU B 75 11.04 -14.09 -23.81
CA GLU B 75 10.63 -15.11 -24.76
C GLU B 75 10.94 -14.67 -26.19
N GLU B 76 10.53 -13.46 -26.57
CA GLU B 76 10.77 -12.98 -27.93
C GLU B 76 12.25 -12.81 -28.20
N GLY B 77 13.01 -12.41 -27.20
CA GLY B 77 14.45 -12.25 -27.33
C GLY B 77 15.27 -13.46 -26.97
N GLY B 78 14.64 -14.47 -26.36
CA GLY B 78 15.36 -15.66 -25.94
C GLY B 78 16.48 -15.38 -24.95
N THR B 79 16.21 -14.55 -23.95
CA THR B 79 17.20 -14.17 -22.95
C THR B 79 16.75 -14.65 -21.57
N THR B 80 17.59 -14.41 -20.57
CA THR B 80 17.40 -14.93 -19.22
C THR B 80 16.70 -13.93 -18.31
N ILE B 81 16.06 -14.45 -17.27
CA ILE B 81 15.41 -13.62 -16.26
C ILE B 81 15.23 -14.42 -14.98
N CYS B 82 15.61 -13.80 -13.86
CA CYS B 82 15.47 -14.41 -12.55
C CYS B 82 14.64 -13.50 -11.66
N LEU B 83 14.07 -14.10 -10.63
CA LEU B 83 13.00 -13.49 -9.86
C LEU B 83 13.18 -13.87 -8.40
N ALA B 84 13.07 -12.88 -7.50
CA ALA B 84 13.32 -13.10 -6.08
C ALA B 84 12.22 -12.47 -5.23
N VAL B 85 11.92 -13.11 -4.11
CA VAL B 85 10.95 -12.64 -3.13
C VAL B 85 11.61 -12.62 -1.75
N LEU B 86 11.34 -11.58 -0.96
CA LEU B 86 11.88 -11.45 0.39
C LEU B 86 10.80 -11.01 1.37
N ASP B 87 10.76 -11.67 2.53
CA ASP B 87 9.83 -11.33 3.60
C ASP B 87 10.61 -11.00 4.87
N ILE B 88 10.11 -10.05 5.64
CA ILE B 88 10.76 -9.66 6.88
C ILE B 88 10.27 -10.60 7.98
N ASP B 89 11.21 -11.30 8.61
CA ASP B 89 10.85 -12.38 9.52
C ASP B 89 10.19 -11.85 10.77
N HIS B 90 9.11 -12.54 11.18
CA HIS B 90 8.37 -12.22 12.40
C HIS B 90 7.88 -10.78 12.41
N PHE B 91 7.57 -10.24 11.22
CA PHE B 91 7.23 -8.83 11.17
C PHE B 91 5.94 -8.49 11.89
N LYS B 92 4.97 -9.41 11.94
CA LYS B 92 3.72 -9.12 12.64
C LYS B 92 3.98 -8.84 14.12
N GLY B 93 4.52 -9.83 14.83
CA GLY B 93 4.87 -9.63 16.23
C GLY B 93 5.79 -8.46 16.45
N PHE B 94 6.47 -8.01 15.40
CA PHE B 94 7.29 -6.81 15.51
C PHE B 94 6.44 -5.57 15.68
N ASN B 95 5.42 -5.40 14.82
CA ASN B 95 4.50 -4.27 14.93
C ASN B 95 3.88 -4.19 16.32
N ASP B 96 3.41 -5.35 16.83
CA ASP B 96 2.75 -5.40 18.13
C ASP B 96 3.69 -4.96 19.25
N THR B 97 4.98 -5.21 19.11
CA THR B 97 5.93 -4.81 20.15
C THR B 97 6.17 -3.30 20.14
N TRP B 98 6.39 -2.72 18.96
CA TRP B 98 6.90 -1.37 18.81
C TRP B 98 5.91 -0.38 18.24
N GLY B 99 4.83 -0.84 17.63
CA GLY B 99 3.88 0.11 17.12
C GLY B 99 4.03 0.31 15.63
N HIS B 100 2.91 0.68 14.99
CA HIS B 100 2.86 0.83 13.53
C HIS B 100 3.97 1.73 13.01
N GLN B 101 4.36 2.73 13.79
CA GLN B 101 5.27 3.75 13.28
C GLN B 101 6.70 3.23 13.16
N THR B 102 7.17 2.50 14.18
CA THR B 102 8.49 1.89 14.09
C THR B 102 8.53 0.83 12.98
N GLY B 103 7.47 0.03 12.87
CA GLY B 103 7.39 -0.95 11.80
C GLY B 103 7.55 -0.33 10.44
N ASP B 104 6.90 0.82 10.21
CA ASP B 104 7.09 1.53 8.95
C ASP B 104 8.55 1.89 8.74
N GLN B 105 9.29 2.10 9.81
CA GLN B 105 10.70 2.47 9.65
C GLN B 105 11.57 1.27 9.35
N VAL B 106 11.17 0.09 9.83
CA VAL B 106 11.86 -1.14 9.46
C VAL B 106 11.63 -1.47 8.00
N ILE B 107 10.38 -1.35 7.54
CA ILE B 107 10.09 -1.54 6.12
C ILE B 107 10.95 -0.60 5.28
N ARG B 108 10.94 0.69 5.61
CA ARG B 108 11.77 1.65 4.89
C ARG B 108 13.23 1.22 4.84
N TYR B 109 13.76 0.74 5.97
CA TYR B 109 15.17 0.42 6.06
C TYR B 109 15.53 -0.73 5.14
N VAL B 110 14.83 -1.87 5.29
CA VAL B 110 15.00 -2.99 4.38
C VAL B 110 14.86 -2.52 2.93
N ALA B 111 13.86 -1.68 2.64
CA ALA B 111 13.68 -1.20 1.28
C ALA B 111 14.88 -0.41 0.78
N SER B 112 15.54 0.33 1.67
CA SER B 112 16.74 1.07 1.28
C SER B 112 17.87 0.11 0.86
N VAL B 113 17.99 -1.02 1.57
CA VAL B 113 19.03 -1.99 1.27
C VAL B 113 18.79 -2.63 -0.09
N ILE B 114 17.53 -2.93 -0.41
CA ILE B 114 17.18 -3.54 -1.68
C ILE B 114 17.30 -2.53 -2.83
N GLY B 115 16.80 -1.31 -2.63
CA GLY B 115 16.83 -0.33 -3.71
C GLY B 115 18.24 -0.02 -4.18
N ARG B 116 19.20 0.04 -3.24
CA ARG B 116 20.60 0.27 -3.60
C ARG B 116 21.05 -0.76 -4.62
N VAL B 117 20.68 -2.01 -4.39
CA VAL B 117 21.11 -3.16 -5.19
C VAL B 117 20.32 -3.34 -6.47
N ALA B 118 19.17 -2.68 -6.60
CA ALA B 118 18.28 -2.90 -7.73
C ALA B 118 18.32 -1.74 -8.73
N ALA B 119 19.51 -1.20 -9.00
CA ALA B 119 19.64 -0.24 -10.09
C ALA B 119 19.26 -0.92 -11.40
N PRO B 120 18.59 -0.20 -12.30
CA PRO B 120 18.12 -0.83 -13.54
C PRO B 120 19.26 -1.43 -14.32
N PRO B 121 19.01 -2.47 -15.13
CA PRO B 121 17.72 -3.04 -15.55
C PRO B 121 17.01 -3.88 -14.50
N ARG B 122 17.60 -4.01 -13.32
CA ARG B 122 16.89 -4.63 -12.21
C ARG B 122 15.67 -3.79 -11.86
N PHE B 123 14.70 -4.43 -11.22
CA PHE B 123 13.43 -3.79 -10.88
C PHE B 123 13.02 -4.32 -9.52
N ALA B 124 12.81 -3.42 -8.57
CA ALA B 124 12.47 -3.78 -7.20
C ALA B 124 11.14 -3.16 -6.80
N ALA B 125 10.35 -3.91 -6.02
CA ALA B 125 9.01 -3.49 -5.66
C ALA B 125 8.69 -3.92 -4.25
N ARG B 126 7.79 -3.18 -3.61
CA ARG B 126 7.11 -3.61 -2.40
C ARG B 126 5.98 -4.54 -2.84
N TYR B 127 6.21 -5.84 -2.71
CA TYR B 127 5.28 -6.83 -3.21
C TYR B 127 4.15 -7.15 -2.23
N GLY B 128 4.33 -6.81 -0.95
CA GLY B 128 3.33 -7.14 0.03
C GLY B 128 3.44 -6.27 1.26
N GLY B 129 2.73 -6.66 2.31
CA GLY B 129 2.72 -5.87 3.53
C GLY B 129 4.12 -5.63 4.06
N ALA B 130 4.92 -6.69 4.15
CA ALA B 130 6.31 -6.59 4.52
C ALA B 130 7.16 -7.51 3.65
N ALA B 131 6.87 -7.52 2.35
CA ALA B 131 7.51 -8.41 1.39
C ALA B 131 7.96 -7.61 0.17
N PHE B 132 9.01 -8.12 -0.49
CA PHE B 132 9.62 -7.44 -1.62
C PHE B 132 9.86 -8.42 -2.75
N ALA B 133 9.93 -7.89 -3.97
CA ALA B 133 10.11 -8.68 -5.17
C ALA B 133 11.13 -8.01 -6.06
N MET B 134 11.96 -8.80 -6.71
CA MET B 134 13.06 -8.25 -7.48
C MET B 134 13.18 -9.00 -8.80
N ILE B 135 13.57 -8.26 -9.85
CA ILE B 135 13.70 -8.80 -11.20
C ILE B 135 15.14 -8.58 -11.65
N PHE B 136 15.86 -9.68 -11.94
CA PHE B 136 17.23 -9.67 -12.45
C PHE B 136 17.20 -10.13 -13.90
N PRO B 137 17.05 -9.21 -14.87
CA PRO B 137 17.04 -9.63 -16.27
C PRO B 137 18.45 -9.79 -16.84
N ARG B 138 18.61 -10.86 -17.62
CA ARG B 138 19.90 -11.19 -18.25
C ARG B 138 20.98 -11.42 -17.20
N GLU B 139 20.67 -12.23 -16.19
CA GLU B 139 21.63 -12.53 -15.14
C GLU B 139 21.46 -13.96 -14.66
N ALA B 140 22.59 -14.62 -14.45
CA ALA B 140 22.61 -16.01 -13.98
C ALA B 140 22.12 -16.10 -12.53
N ALA B 141 21.64 -17.29 -12.17
CA ALA B 141 21.10 -17.50 -10.83
C ALA B 141 22.20 -17.40 -9.77
N SER B 142 23.41 -17.88 -10.09
CA SER B 142 24.53 -17.76 -9.16
C SER B 142 24.74 -16.31 -8.73
N VAL B 143 24.55 -15.37 -9.65
CA VAL B 143 24.59 -13.95 -9.29
C VAL B 143 23.43 -13.59 -8.37
N VAL B 144 22.20 -13.96 -8.76
CA VAL B 144 21.04 -13.71 -7.91
C VAL B 144 21.26 -14.29 -6.52
N ALA B 145 21.79 -15.51 -6.45
CA ALA B 145 21.91 -16.19 -5.16
C ALA B 145 22.86 -15.46 -4.22
N THR B 146 23.89 -14.81 -4.77
CA THR B 146 24.84 -14.08 -3.93
C THR B 146 24.33 -12.69 -3.61
N THR B 147 23.64 -12.06 -4.56
CA THR B 147 23.03 -10.77 -4.27
C THR B 147 22.07 -10.87 -3.09
N LEU B 148 21.20 -11.90 -3.09
CA LEU B 148 20.32 -12.11 -1.95
C LEU B 148 21.09 -12.42 -0.69
N GLU B 149 22.25 -13.06 -0.82
CA GLU B 149 22.99 -13.36 0.38
C GLU B 149 23.68 -12.11 0.92
N GLU B 150 24.09 -11.20 0.04
CA GLU B 150 24.66 -9.93 0.50
C GLU B 150 23.59 -9.07 1.16
N ILE B 151 22.38 -9.08 0.61
CA ILE B 151 21.26 -8.35 1.18
C ILE B 151 20.85 -8.94 2.52
N ARG B 152 20.93 -10.27 2.65
CA ARG B 152 20.51 -10.91 3.90
C ARG B 152 21.37 -10.47 5.09
N VAL B 153 22.69 -10.40 4.89
CA VAL B 153 23.59 -10.06 5.99
C VAL B 153 23.67 -8.55 6.15
N GLU B 154 23.54 -7.81 5.05
CA GLU B 154 23.45 -6.36 5.14
C GLU B 154 22.29 -5.94 6.03
N VAL B 155 21.17 -6.63 5.92
CA VAL B 155 19.97 -6.25 6.66
C VAL B 155 20.14 -6.55 8.14
N SER B 156 20.79 -7.65 8.48
CA SER B 156 21.04 -8.01 9.88
C SER B 156 22.37 -7.51 10.38
N SER B 157 23.09 -6.70 9.59
CA SER B 157 24.40 -6.23 10.02
C SER B 157 24.28 -5.19 11.12
N ARG B 158 23.43 -4.19 10.93
CA ARG B 158 23.38 -3.10 11.88
C ARG B 158 22.26 -3.30 12.89
N MET B 159 22.48 -2.76 14.09
CA MET B 159 21.50 -2.72 15.14
C MET B 159 20.76 -1.39 15.06
N LEU B 160 19.46 -1.45 14.84
CA LEU B 160 18.65 -0.25 14.69
C LEU B 160 18.05 0.16 16.04
N LYS B 161 17.69 1.44 16.15
CA LYS B 161 17.22 2.02 17.41
C LYS B 161 15.82 2.61 17.24
N ARG B 162 15.02 2.52 18.31
CA ARG B 162 13.73 3.20 18.32
C ARG B 162 13.94 4.68 18.61
N ARG B 163 13.29 5.54 17.83
CA ARG B 163 13.83 6.87 17.60
C ARG B 163 13.63 7.81 18.78
N SER B 164 12.54 7.68 19.53
CA SER B 164 12.48 8.58 20.68
C SER B 164 13.36 8.08 21.81
N THR B 165 13.39 6.77 22.03
CA THR B 165 13.88 6.17 23.25
C THR B 165 15.25 5.51 23.15
N ASN B 166 15.77 5.31 21.93
CA ASN B 166 17.06 4.65 21.69
C ASN B 166 17.13 3.29 22.39
N GLU B 167 16.22 2.40 22.01
CA GLU B 167 16.29 1.00 22.39
C GLU B 167 16.81 0.16 21.23
N ASP B 168 17.46 -0.95 21.56
CA ASP B 168 17.73 -1.94 20.54
C ASP B 168 16.43 -2.59 20.09
N LEU B 169 16.19 -2.61 18.78
CA LEU B 169 15.04 -3.29 18.21
C LEU B 169 15.26 -4.79 18.05
N GLY B 170 16.45 -5.30 18.35
CA GLY B 170 16.81 -6.63 17.96
C GLY B 170 17.16 -6.70 16.48
N ALA B 171 17.94 -7.71 16.13
CA ALA B 171 18.31 -7.88 14.72
C ALA B 171 17.07 -8.06 13.86
N ILE B 172 17.20 -7.68 12.60
CA ILE B 172 16.14 -7.81 11.61
C ILE B 172 16.63 -8.76 10.52
N THR B 173 15.87 -9.81 10.27
CA THR B 173 16.27 -10.80 9.29
C THR B 173 15.20 -10.97 8.23
N VAL B 174 15.63 -11.40 7.05
CA VAL B 174 14.74 -11.66 5.93
C VAL B 174 14.91 -13.10 5.47
N SER B 175 13.80 -13.71 5.08
CA SER B 175 13.82 -14.96 4.34
C SER B 175 13.63 -14.66 2.86
N SER B 176 14.08 -15.58 2.03
CA SER B 176 14.32 -15.25 0.64
C SER B 176 14.00 -16.43 -0.24
N GLY B 177 13.37 -16.16 -1.38
CA GLY B 177 13.13 -17.17 -2.37
C GLY B 177 13.38 -16.65 -3.76
N PHE B 178 13.97 -17.47 -4.62
CA PHE B 178 14.19 -17.06 -5.99
C PHE B 178 14.18 -18.28 -6.88
N ALA B 179 13.88 -18.05 -8.15
CA ALA B 179 13.80 -19.11 -9.14
C ALA B 179 14.15 -18.53 -10.51
N GLU B 180 14.49 -19.42 -11.44
CA GLU B 180 14.79 -19.04 -12.80
C GLU B 180 13.66 -19.47 -13.72
N ARG B 181 13.32 -18.59 -14.67
CA ARG B 181 12.17 -18.83 -15.54
C ARG B 181 12.52 -19.92 -16.56
N LYS B 182 11.73 -20.99 -16.56
CA LYS B 182 11.85 -22.07 -17.54
C LYS B 182 11.38 -21.59 -18.92
N PRO B 183 11.75 -22.32 -19.99
CA PRO B 183 11.49 -21.80 -21.35
C PRO B 183 10.03 -21.44 -21.65
N GLY B 184 9.07 -22.24 -21.21
CA GLY B 184 7.68 -21.93 -21.46
C GLY B 184 6.97 -21.17 -20.36
N GLU B 185 7.69 -20.74 -19.33
CA GLU B 185 7.06 -20.27 -18.09
C GLU B 185 6.55 -18.85 -18.23
N SER B 186 5.40 -18.58 -17.61
CA SER B 186 4.79 -17.27 -17.60
C SER B 186 5.17 -16.52 -16.32
N GLY B 187 4.80 -15.24 -16.27
CA GLY B 187 5.02 -14.45 -15.08
C GLY B 187 4.48 -15.13 -13.83
N HIS B 188 3.16 -15.31 -13.78
CA HIS B 188 2.47 -15.98 -12.67
C HIS B 188 3.18 -17.26 -12.23
N SER B 189 3.66 -18.04 -13.20
CA SER B 189 4.21 -19.34 -12.90
C SER B 189 5.55 -19.23 -12.17
N VAL B 190 6.45 -18.36 -12.66
CA VAL B 190 7.73 -18.19 -11.98
C VAL B 190 7.48 -17.70 -10.55
N MET B 191 6.57 -16.75 -10.40
CA MET B 191 6.25 -16.22 -9.09
C MET B 191 5.76 -17.31 -8.15
N GLU B 192 4.92 -18.21 -8.66
CA GLU B 192 4.47 -19.36 -7.88
C GLU B 192 5.67 -20.14 -7.35
N ARG B 193 6.66 -20.41 -8.20
CA ARG B 193 7.82 -21.19 -7.79
C ARG B 193 8.68 -20.43 -6.80
N ALA B 194 9.01 -19.16 -7.11
CA ALA B 194 9.79 -18.35 -6.18
C ALA B 194 9.10 -18.22 -4.83
N ASP B 195 7.76 -18.20 -4.83
CA ASP B 195 7.03 -18.11 -3.56
C ASP B 195 7.12 -19.41 -2.78
N ALA B 196 7.07 -20.55 -3.48
CA ALA B 196 7.31 -21.83 -2.81
C ALA B 196 8.71 -21.83 -2.20
N ALA B 197 9.68 -21.24 -2.90
CA ALA B 197 11.04 -21.12 -2.36
C ALA B 197 11.03 -20.32 -1.05
N LEU B 198 10.33 -19.19 -1.03
CA LEU B 198 10.30 -18.37 0.18
C LEU B 198 9.67 -19.13 1.34
N TYR B 199 8.54 -19.78 1.10
CA TYR B 199 7.91 -20.58 2.15
C TYR B 199 8.87 -21.65 2.66
N ALA B 200 9.65 -22.24 1.74
CA ALA B 200 10.65 -23.23 2.12
C ALA B 200 11.69 -22.63 3.06
N SER B 201 12.14 -21.40 2.77
CA SER B 201 13.13 -20.74 3.61
C SER B 201 12.56 -20.46 5.00
N LYS B 202 11.27 -20.07 5.05
CA LYS B 202 10.64 -19.75 6.32
C LYS B 202 10.44 -21.00 7.17
N ARG B 203 10.01 -22.09 6.55
CA ARG B 203 9.77 -23.30 7.33
C ARG B 203 11.05 -24.06 7.64
N GLY B 204 12.19 -23.61 7.13
CA GLY B 204 13.46 -24.22 7.43
C GLY B 204 14.30 -23.52 8.47
N GLY B 205 13.74 -22.56 9.19
CA GLY B 205 14.49 -21.81 10.20
C GLY B 205 14.58 -20.32 9.97
N ARG B 206 14.05 -19.79 8.85
CA ARG B 206 14.09 -18.36 8.54
C ARG B 206 15.51 -17.82 8.40
N ASN B 207 15.65 -16.58 7.93
CA ASN B 207 16.95 -15.94 7.74
C ASN B 207 17.85 -16.78 6.84
N ARG B 208 17.36 -17.08 5.63
CA ARG B 208 18.07 -17.93 4.68
C ARG B 208 17.49 -17.73 3.29
N VAL B 209 18.23 -18.21 2.29
CA VAL B 209 17.79 -18.18 0.90
C VAL B 209 17.62 -19.62 0.43
N THR B 210 16.65 -19.85 -0.45
CA THR B 210 16.46 -21.16 -1.08
C THR B 210 16.02 -20.97 -2.53
N ALA B 211 16.03 -22.06 -3.29
CA ALA B 211 15.68 -22.00 -4.70
C ALA B 211 15.22 -23.38 -5.16
N ALA B 212 14.38 -23.41 -6.20
CA ALA B 212 14.03 -24.69 -6.83
C ALA B 212 15.04 -25.08 -7.92
#